data_7MEU
#
_entry.id   7MEU
#
_cell.length_a   38.812
_cell.length_b   73.364
_cell.length_c   61.866
_cell.angle_alpha   90.000
_cell.angle_beta   101.360
_cell.angle_gamma   90.000
#
_symmetry.space_group_name_H-M   'P 1 21 1'
#
loop_
_entity.id
_entity.type
_entity.pdbx_description
1 polymer 'Eukaryotic translation initiation factor 4E'
2 non-polymer "7-METHYL-GUANOSINE-5'-TRIPHOSPHATE"
3 non-polymer "(2E)-2-{2-[4-([1,1'-biphenyl]-4-yl)-1,3-thiazol-2-yl]hydrazinylidene}-3-(2-nitrophenyl)propanoic acid"
4 water water
#
_entity_poly.entity_id   1
_entity_poly.type   'polypeptide(L)'
_entity_poly.pdbx_seq_one_letter_code
;MEVANPEHYIKHPLQNRWALWFFKNDKSKTWQANLRLISKFDTVEDFWALYNHIQLSSNLMPGCDYSLFKDGIEPMWEDE
KNKRGGRWLITLNKQQRRSDLDRFWLETLLCLIGESFDDYSDDVCGAVVNVRAKGDKIAIWTTECENREAVTHIGRVYKE
RLGLPPKIVIGYQSHADTATKSGSTTKNRFVV
;
_entity_poly.pdbx_strand_id   A,B
#
# COMPACT_ATOMS: atom_id res chain seq x y z
N TYR A 9 -19.36 10.67 -4.94
CA TYR A 9 -20.66 10.05 -4.74
C TYR A 9 -20.52 8.53 -4.58
N ILE A 10 -20.20 7.84 -5.66
CA ILE A 10 -20.22 6.41 -5.72
C ILE A 10 -18.90 5.95 -5.20
N LYS A 11 -19.08 5.36 -4.05
CA LYS A 11 -18.09 4.52 -3.36
C LYS A 11 -17.95 3.20 -4.20
N HIS A 12 -16.79 2.61 -4.06
CA HIS A 12 -16.28 1.48 -4.83
C HIS A 12 -16.34 0.30 -3.88
N PRO A 13 -17.39 -0.52 -3.97
CA PRO A 13 -17.52 -1.64 -3.05
C PRO A 13 -16.35 -2.60 -3.11
N LEU A 14 -15.87 -2.95 -1.92
CA LEU A 14 -15.03 -4.10 -1.87
C LEU A 14 -16.01 -5.22 -2.20
N GLN A 15 -15.86 -5.83 -3.35
CA GLN A 15 -16.36 -7.14 -3.51
CA GLN A 15 -16.36 -7.21 -3.53
C GLN A 15 -16.89 -7.58 -2.08
N ASN A 16 -16.08 -7.55 -0.82
CA ASN A 16 -16.51 -8.18 0.57
C ASN A 16 -16.49 -7.25 1.82
N ARG A 17 -17.13 -7.58 3.00
CA ARG A 17 -17.10 -6.66 4.16
C ARG A 17 -16.16 -7.13 5.29
N TRP A 18 -15.56 -6.18 6.00
CA TRP A 18 -14.37 -6.43 6.82
C TRP A 18 -14.50 -5.70 8.15
N ALA A 19 -13.91 -6.29 9.20
CA ALA A 19 -13.93 -5.69 10.53
C ALA A 19 -12.51 -5.64 11.06
N LEU A 20 -12.12 -4.47 11.60
CA LEU A 20 -10.87 -4.27 12.30
C LEU A 20 -11.09 -4.50 13.78
N TRP A 21 -10.23 -5.30 14.37
CA TRP A 21 -10.25 -5.65 15.78
C TRP A 21 -8.96 -5.18 16.41
N PHE A 22 -9.04 -4.84 17.68
CA PHE A 22 -7.88 -4.53 18.49
C PHE A 22 -7.79 -5.48 19.67
N PHE A 23 -6.58 -5.83 20.08
CA PHE A 23 -6.40 -6.66 21.28
C PHE A 23 -5.34 -6.04 22.16
N LYS A 24 -5.69 -5.74 23.41
CA LYS A 24 -4.68 -5.29 24.36
C LYS A 24 -4.57 -6.34 25.45
N ASN A 25 -3.42 -6.99 25.45
CA ASN A 25 -2.95 -8.01 26.36
C ASN A 25 -3.27 -7.76 27.82
N ASP A 26 -4.48 -8.10 28.22
CA ASP A 26 -4.79 -8.37 29.61
C ASP A 26 -4.67 -9.88 29.72
N LYS A 27 -3.93 -10.39 30.70
CA LYS A 27 -3.77 -11.83 30.78
C LYS A 27 -4.30 -12.47 32.06
N SER A 28 -4.62 -11.67 33.09
CA SER A 28 -5.49 -12.14 34.17
C SER A 28 -6.82 -12.64 33.62
N LYS A 29 -7.24 -12.03 32.51
CA LYS A 29 -8.54 -12.17 31.91
C LYS A 29 -8.64 -13.49 31.14
N THR A 30 -9.82 -13.69 30.58
CA THR A 30 -10.07 -14.63 29.51
C THR A 30 -9.62 -13.99 28.22
N TRP A 31 -8.81 -14.73 27.44
CA TRP A 31 -8.17 -14.12 26.26
C TRP A 31 -9.20 -13.40 25.39
N GLN A 32 -10.25 -14.10 24.99
CA GLN A 32 -11.34 -13.56 24.19
C GLN A 32 -11.97 -12.28 24.72
N ALA A 33 -11.91 -12.04 26.02
CA ALA A 33 -12.56 -10.86 26.55
C ALA A 33 -11.77 -9.59 26.29
N ASN A 34 -10.55 -9.72 25.78
CA ASN A 34 -9.72 -8.56 25.48
C ASN A 34 -9.84 -8.05 24.03
N LEU A 35 -10.48 -8.78 23.10
CA LEU A 35 -10.57 -8.37 21.68
C LEU A 35 -11.13 -6.95 21.76
N ARG A 36 -11.41 -6.22 20.69
CA ARG A 36 -12.32 -5.06 20.68
C ARG A 36 -12.60 -4.82 19.20
N LEU A 37 -13.86 -4.76 18.82
CA LEU A 37 -14.23 -4.47 17.45
C LEU A 37 -14.18 -2.96 17.25
N ILE A 38 -13.28 -2.51 16.40
CA ILE A 38 -13.04 -1.09 16.17
C ILE A 38 -14.01 -0.49 15.15
N SER A 39 -14.10 -1.07 13.95
CA SER A 39 -15.15 -0.64 13.04
C SER A 39 -15.15 -1.59 11.86
N LYS A 40 -16.14 -1.44 11.01
CA LYS A 40 -16.33 -2.30 9.86
C LYS A 40 -16.34 -1.46 8.60
N PHE A 41 -16.06 -2.10 7.47
CA PHE A 41 -16.09 -1.36 6.21
C PHE A 41 -16.26 -2.34 5.04
N ASP A 42 -16.81 -1.82 3.95
CA ASP A 42 -16.95 -2.64 2.76
C ASP A 42 -16.74 -1.84 1.47
N THR A 43 -16.03 -0.72 1.55
CA THR A 43 -15.66 0.00 0.34
C THR A 43 -14.17 0.32 0.36
N VAL A 44 -13.64 0.58 -0.84
CA VAL A 44 -12.26 1.01 -0.96
C VAL A 44 -12.06 2.31 -0.19
N GLU A 45 -12.99 3.24 -0.34
CA GLU A 45 -12.83 4.54 0.31
C GLU A 45 -12.78 4.40 1.83
N ASP A 46 -13.66 3.60 2.40
CA ASP A 46 -13.64 3.48 3.86
C ASP A 46 -12.42 2.71 4.37
N PHE A 47 -11.89 1.74 3.60
CA PHE A 47 -10.64 1.08 4.00
C PHE A 47 -9.52 2.11 4.19
N TRP A 48 -9.27 2.92 3.14
CA TRP A 48 -8.19 3.90 3.21
C TRP A 48 -8.48 4.98 4.25
N ALA A 49 -9.74 5.39 4.42
CA ALA A 49 -10.03 6.35 5.48
C ALA A 49 -9.62 5.77 6.84
N LEU A 50 -9.89 4.49 7.06
CA LEU A 50 -9.54 3.87 8.34
C LEU A 50 -8.04 3.65 8.44
N TYR A 51 -7.41 3.11 7.38
CA TYR A 51 -5.98 2.86 7.43
C TYR A 51 -5.21 4.15 7.69
N ASN A 52 -5.50 5.21 6.92
CA ASN A 52 -4.79 6.47 7.08
C ASN A 52 -4.93 7.00 8.50
N HIS A 53 -6.12 6.91 9.07
CA HIS A 53 -6.34 7.50 10.38
C HIS A 53 -5.70 6.69 11.48
N ILE A 54 -5.87 5.37 11.44
CA ILE A 54 -5.35 4.53 12.52
C ILE A 54 -3.83 4.61 12.55
N GLN A 55 -3.18 4.67 11.38
CA GLN A 55 -1.72 4.75 11.36
C GLN A 55 -1.23 6.01 12.04
N LEU A 56 -1.86 7.17 11.72
CA LEU A 56 -1.38 8.44 12.27
C LEU A 56 -1.70 8.61 13.75
N SER A 57 -2.79 8.01 14.23
CA SER A 57 -3.28 8.32 15.58
C SER A 57 -2.90 7.25 16.58
N SER A 58 -2.22 6.21 16.15
CA SER A 58 -1.85 5.05 16.97
C SER A 58 -0.36 5.09 17.28
N ASN A 59 0.08 4.10 18.04
CA ASN A 59 1.48 3.98 18.40
C ASN A 59 1.78 2.53 18.61
N LEU A 60 2.84 2.05 18.00
CA LEU A 60 3.18 0.64 18.19
C LEU A 60 3.57 0.37 19.62
N MET A 61 2.89 -0.59 20.25
CA MET A 61 3.31 -1.10 21.53
C MET A 61 3.19 -2.60 21.73
N PRO A 62 4.18 -3.15 22.46
CA PRO A 62 4.18 -4.58 22.76
C PRO A 62 2.89 -5.01 23.42
N GLY A 63 2.39 -6.16 22.98
CA GLY A 63 1.12 -6.68 23.40
C GLY A 63 -0.11 -6.10 22.72
N CYS A 64 0.01 -5.00 21.95
CA CYS A 64 -1.16 -4.36 21.34
C CYS A 64 -1.28 -4.78 19.88
N ASP A 65 -2.24 -5.65 19.61
CA ASP A 65 -2.37 -6.34 18.34
C ASP A 65 -3.61 -5.92 17.56
N TYR A 66 -3.53 -6.03 16.24
CA TYR A 66 -4.63 -5.68 15.38
C TYR A 66 -4.97 -6.85 14.47
N SER A 67 -6.24 -6.95 14.14
CA SER A 67 -6.76 -8.02 13.33
C SER A 67 -7.76 -7.43 12.34
N LEU A 68 -7.68 -7.85 11.08
CA LEU A 68 -8.71 -7.58 10.08
C LEU A 68 -9.32 -8.91 9.65
N PHE A 69 -10.60 -9.08 9.88
CA PHE A 69 -11.27 -10.31 9.55
C PHE A 69 -12.56 -10.08 8.80
N LYS A 70 -12.94 -11.06 7.99
CA LYS A 70 -14.19 -10.95 7.28
C LYS A 70 -15.34 -10.85 8.28
N ASP A 71 -16.33 -10.03 7.92
CA ASP A 71 -17.50 -9.79 8.73
C ASP A 71 -18.10 -11.09 9.23
N GLY A 72 -18.30 -11.18 10.53
CA GLY A 72 -18.88 -12.35 11.13
C GLY A 72 -17.89 -13.38 11.61
N ILE A 73 -16.60 -13.23 11.30
CA ILE A 73 -15.55 -14.09 11.85
C ILE A 73 -14.83 -13.30 12.91
N GLU A 74 -14.90 -13.78 14.14
CA GLU A 74 -14.08 -13.20 15.20
C GLU A 74 -12.64 -13.70 15.07
N PRO A 75 -11.65 -12.88 15.43
CA PRO A 75 -10.23 -13.26 15.23
C PRO A 75 -9.72 -14.16 16.35
N MET A 76 -10.34 -15.33 16.47
CA MET A 76 -9.98 -16.27 17.52
C MET A 76 -10.15 -17.70 17.00
N TRP A 77 -9.29 -18.58 17.50
CA TRP A 77 -9.36 -20.00 17.16
C TRP A 77 -10.76 -20.56 17.36
N GLU A 78 -11.47 -20.09 18.38
CA GLU A 78 -12.76 -20.66 18.79
C GLU A 78 -13.86 -20.44 17.76
N ASP A 79 -13.72 -19.44 16.89
CA ASP A 79 -14.71 -19.20 15.85
C ASP A 79 -14.83 -20.40 14.92
N GLU A 80 -16.04 -20.64 14.44
CA GLU A 80 -16.34 -21.81 13.61
C GLU A 80 -15.50 -21.86 12.30
N LYS A 81 -15.50 -20.78 11.52
CA LYS A 81 -14.45 -20.51 10.46
C LYS A 81 -12.98 -20.56 10.86
N ASN A 82 -12.61 -20.54 12.12
CA ASN A 82 -11.20 -20.70 12.41
C ASN A 82 -10.83 -22.05 13.04
N LYS A 83 -11.78 -22.77 13.63
CA LYS A 83 -11.34 -23.85 14.51
C LYS A 83 -10.61 -24.96 13.75
N ARG A 84 -10.99 -25.20 12.51
CA ARG A 84 -10.36 -26.21 11.65
C ARG A 84 -9.23 -25.63 10.79
N GLY A 85 -8.89 -24.36 11.00
CA GLY A 85 -7.98 -23.61 10.16
C GLY A 85 -6.59 -23.46 10.74
N GLY A 86 -5.88 -22.46 10.22
CA GLY A 86 -4.52 -22.22 10.63
C GLY A 86 -4.04 -20.93 10.01
N ARG A 87 -2.72 -20.71 10.05
CA ARG A 87 -2.20 -19.42 9.59
C ARG A 87 -0.85 -19.57 8.91
N TRP A 88 -0.64 -18.76 7.87
CA TRP A 88 0.70 -18.47 7.35
C TRP A 88 1.35 -17.40 8.22
N LEU A 89 2.47 -17.72 8.81
CA LEU A 89 3.04 -16.86 9.82
C LEU A 89 4.34 -16.29 9.28
N ILE A 90 4.46 -14.97 9.37
CA ILE A 90 5.72 -14.29 9.09
C ILE A 90 6.27 -13.79 10.41
N THR A 91 7.49 -14.20 10.74
CA THR A 91 8.13 -13.74 11.97
C THR A 91 9.22 -12.77 11.56
N LEU A 92 9.15 -11.54 12.04
CA LEU A 92 10.13 -10.53 11.70
C LEU A 92 11.33 -10.60 12.64
N ASN A 93 12.52 -10.19 12.16
CA ASN A 93 13.68 -10.20 13.04
C ASN A 93 13.45 -9.10 14.09
N LYS A 94 14.12 -9.19 15.24
CA LYS A 94 13.94 -8.10 16.19
C LYS A 94 14.38 -6.80 15.56
N GLN A 95 15.28 -6.94 14.60
CA GLN A 95 16.15 -5.92 14.04
C GLN A 95 15.52 -5.21 12.85
N GLN A 96 14.48 -5.80 12.26
CA GLN A 96 13.81 -5.21 11.11
C GLN A 96 13.55 -3.73 11.34
N ARG A 97 13.50 -3.00 10.24
CA ARG A 97 13.20 -1.59 10.28
C ARG A 97 11.69 -1.46 10.43
N ARG A 98 11.23 -0.47 11.18
N ARG A 98 11.24 -0.52 11.26
CA ARG A 98 9.79 -0.23 11.26
CA ARG A 98 9.86 -0.05 11.26
C ARG A 98 9.19 -0.09 9.86
C ARG A 98 9.25 -0.13 9.87
N SER A 99 9.97 0.46 8.90
CA SER A 99 9.48 0.56 7.53
C SER A 99 9.02 -0.80 7.00
N ASP A 100 9.84 -1.84 7.22
CA ASP A 100 9.45 -3.20 6.84
C ASP A 100 8.11 -3.61 7.43
N LEU A 101 7.92 -3.40 8.73
CA LEU A 101 6.68 -3.81 9.37
C LEU A 101 5.49 -3.12 8.73
N ASP A 102 5.60 -1.80 8.51
CA ASP A 102 4.53 -1.01 7.88
C ASP A 102 4.17 -1.59 6.52
N ARG A 103 5.18 -1.81 5.68
CA ARG A 103 4.94 -2.32 4.34
C ARG A 103 4.34 -3.72 4.36
N PHE A 104 4.87 -4.61 5.20
CA PHE A 104 4.34 -5.95 5.27
C PHE A 104 2.87 -5.95 5.70
N TRP A 105 2.55 -5.13 6.69
CA TRP A 105 1.18 -5.12 7.18
C TRP A 105 0.20 -4.56 6.15
N LEU A 106 0.53 -3.42 5.53
CA LEU A 106 -0.35 -2.90 4.50
C LEU A 106 -0.45 -3.87 3.31
N GLU A 107 0.67 -4.46 2.87
CA GLU A 107 0.59 -5.40 1.78
C GLU A 107 -0.32 -6.57 2.15
N THR A 108 -0.27 -7.00 3.41
CA THR A 108 -1.14 -8.10 3.85
C THR A 108 -2.59 -7.69 3.77
N LEU A 109 -2.92 -6.50 4.30
CA LEU A 109 -4.30 -6.04 4.23
C LEU A 109 -4.80 -5.96 2.80
N LEU A 110 -3.97 -5.41 1.90
CA LEU A 110 -4.36 -5.30 0.49
C LEU A 110 -4.57 -6.67 -0.14
N CYS A 111 -3.80 -7.67 0.28
CA CYS A 111 -4.07 -9.03 -0.18
C CYS A 111 -5.45 -9.50 0.28
N LEU A 112 -5.84 -9.12 1.49
CA LEU A 112 -7.16 -9.48 1.99
C LEU A 112 -8.26 -8.77 1.21
N ILE A 113 -8.29 -7.45 1.28
CA ILE A 113 -9.45 -6.77 0.75
C ILE A 113 -9.49 -6.80 -0.76
N GLY A 114 -8.35 -7.00 -1.40
CA GLY A 114 -8.27 -7.15 -2.83
C GLY A 114 -8.42 -8.55 -3.32
N GLU A 115 -8.59 -9.54 -2.44
CA GLU A 115 -8.88 -10.92 -2.86
C GLU A 115 -7.82 -11.44 -3.81
N SER A 116 -6.56 -11.27 -3.39
CA SER A 116 -5.41 -11.49 -4.24
C SER A 116 -5.10 -12.95 -4.49
N PHE A 117 -5.79 -13.87 -3.85
CA PHE A 117 -5.49 -15.30 -4.06
C PHE A 117 -6.54 -15.95 -4.96
N ASP A 118 -7.29 -15.15 -5.69
CA ASP A 118 -8.23 -15.59 -6.73
C ASP A 118 -9.23 -16.55 -6.09
N ASP A 119 -9.45 -17.73 -6.63
CA ASP A 119 -10.53 -18.53 -6.08
C ASP A 119 -10.22 -18.99 -4.66
N TYR A 120 -8.94 -19.04 -4.30
CA TYR A 120 -8.58 -19.47 -2.97
C TYR A 120 -8.73 -18.39 -1.90
N SER A 121 -8.95 -17.11 -2.27
CA SER A 121 -9.21 -16.13 -1.21
C SER A 121 -10.50 -16.43 -0.47
N ASP A 122 -11.35 -17.30 -0.98
CA ASP A 122 -12.51 -17.73 -0.20
C ASP A 122 -12.11 -18.48 1.07
N ASP A 123 -10.91 -19.09 1.09
CA ASP A 123 -10.41 -19.76 2.30
C ASP A 123 -9.86 -18.80 3.33
N VAL A 124 -9.70 -17.54 2.98
CA VAL A 124 -9.07 -16.57 3.86
C VAL A 124 -10.11 -16.08 4.87
N CYS A 125 -9.73 -16.06 6.15
CA CYS A 125 -10.54 -15.53 7.24
C CYS A 125 -10.13 -14.13 7.63
N GLY A 126 -8.84 -13.83 7.66
CA GLY A 126 -8.37 -12.53 8.13
C GLY A 126 -6.85 -12.53 8.26
N ALA A 127 -6.34 -11.52 8.96
CA ALA A 127 -4.92 -11.41 9.19
C ALA A 127 -4.68 -10.73 10.53
N VAL A 128 -3.55 -11.04 11.13
CA VAL A 128 -3.22 -10.59 12.47
C VAL A 128 -1.79 -10.07 12.48
N VAL A 129 -1.57 -8.90 13.10
CA VAL A 129 -0.24 -8.43 13.47
C VAL A 129 -0.07 -8.41 14.98
N ASN A 130 0.97 -9.11 15.45
CA ASN A 130 1.35 -9.11 16.84
C ASN A 130 2.58 -8.22 17.04
N VAL A 131 2.47 -7.23 17.89
CA VAL A 131 3.60 -6.37 18.22
C VAL A 131 4.27 -6.92 19.47
N ARG A 132 5.53 -7.38 19.33
CA ARG A 132 6.26 -8.09 20.37
C ARG A 132 7.74 -7.72 20.33
N ALA A 133 8.30 -7.35 21.50
CA ALA A 133 9.71 -6.98 21.57
C ALA A 133 10.64 -8.12 21.12
N LYS A 134 10.23 -9.35 21.37
CA LYS A 134 10.88 -10.58 20.89
C LYS A 134 10.90 -10.71 19.37
N GLY A 135 10.08 -9.95 18.66
CA GLY A 135 9.98 -10.11 17.23
C GLY A 135 8.53 -9.94 16.79
N ASP A 136 8.26 -8.98 15.93
CA ASP A 136 6.88 -8.79 15.49
C ASP A 136 6.42 -9.91 14.56
N LYS A 137 5.11 -10.17 14.55
CA LYS A 137 4.53 -11.22 13.73
C LYS A 137 3.34 -10.72 12.91
N ILE A 138 3.25 -11.22 11.69
CA ILE A 138 2.12 -10.97 10.80
C ILE A 138 1.67 -12.33 10.28
N ALA A 139 0.35 -12.53 10.22
CA ALA A 139 -0.15 -13.80 9.70
C ALA A 139 -1.48 -13.66 8.98
N ILE A 140 -1.66 -14.52 7.99
CA ILE A 140 -2.94 -14.65 7.32
C ILE A 140 -3.56 -15.95 7.80
N TRP A 141 -4.77 -15.83 8.37
CA TRP A 141 -5.55 -16.98 8.88
C TRP A 141 -6.51 -17.52 7.80
N THR A 142 -6.51 -18.83 7.63
CA THR A 142 -7.36 -19.48 6.66
C THR A 142 -8.19 -20.53 7.41
N THR A 143 -9.22 -21.01 6.73
CA THR A 143 -10.31 -21.68 7.41
C THR A 143 -10.14 -23.20 7.53
N GLU A 144 -9.32 -23.85 6.71
CA GLU A 144 -9.18 -25.31 6.74
CA GLU A 144 -9.19 -25.31 6.78
C GLU A 144 -7.73 -25.70 6.55
N CYS A 145 -7.08 -26.13 7.64
CA CYS A 145 -5.65 -26.46 7.56
C CYS A 145 -5.39 -27.73 6.77
N GLU A 146 -6.41 -28.51 6.42
CA GLU A 146 -6.20 -29.68 5.59
C GLU A 146 -6.44 -29.43 4.10
N ASN A 147 -6.83 -28.23 3.69
CA ASN A 147 -6.96 -27.93 2.24
C ASN A 147 -5.56 -27.64 1.69
N ARG A 148 -4.80 -28.69 1.39
CA ARG A 148 -3.40 -28.50 0.99
C ARG A 148 -3.26 -27.59 -0.23
N GLU A 149 -4.11 -27.77 -1.24
N GLU A 149 -4.11 -27.79 -1.22
CA GLU A 149 -3.94 -27.00 -2.45
CA GLU A 149 -4.03 -27.02 -2.45
C GLU A 149 -4.25 -25.51 -2.23
C GLU A 149 -4.23 -25.54 -2.18
N ALA A 150 -5.29 -25.20 -1.45
CA ALA A 150 -5.62 -23.79 -1.22
C ALA A 150 -4.57 -23.15 -0.30
N VAL A 151 -4.20 -23.87 0.76
CA VAL A 151 -3.26 -23.35 1.73
C VAL A 151 -1.91 -23.10 1.08
N THR A 152 -1.47 -24.00 0.21
CA THR A 152 -0.15 -23.81 -0.37
C THR A 152 -0.17 -22.76 -1.46
N HIS A 153 -1.31 -22.62 -2.15
CA HIS A 153 -1.40 -21.56 -3.15
C HIS A 153 -1.34 -20.21 -2.48
N ILE A 154 -2.11 -20.04 -1.40
CA ILE A 154 -2.11 -18.79 -0.63
C ILE A 154 -0.71 -18.49 -0.12
N GLY A 155 -0.08 -19.48 0.49
CA GLY A 155 1.28 -19.27 1.00
C GLY A 155 2.24 -18.76 -0.07
N ARG A 156 2.23 -19.37 -1.25
CA ARG A 156 3.22 -19.02 -2.25
C ARG A 156 3.01 -17.60 -2.76
N VAL A 157 1.76 -17.27 -3.07
CA VAL A 157 1.46 -15.94 -3.56
C VAL A 157 1.76 -14.89 -2.50
N TYR A 158 1.41 -15.19 -1.24
CA TYR A 158 1.64 -14.26 -0.13
C TYR A 158 3.13 -13.96 0.06
N LYS A 159 3.95 -15.00 0.11
CA LYS A 159 5.40 -14.83 0.29
C LYS A 159 5.98 -13.99 -0.84
N GLU A 160 5.54 -14.26 -2.08
CA GLU A 160 6.02 -13.49 -3.21
C GLU A 160 5.52 -12.04 -3.16
N ARG A 161 4.26 -11.85 -2.82
CA ARG A 161 3.69 -10.51 -2.77
CA ARG A 161 3.70 -10.51 -2.81
C ARG A 161 4.46 -9.62 -1.81
N LEU A 162 4.91 -10.17 -0.70
CA LEU A 162 5.66 -9.36 0.25
CA LEU A 162 5.67 -9.38 0.25
C LEU A 162 7.15 -9.27 -0.10
N GLY A 163 7.59 -9.96 -1.15
CA GLY A 163 8.97 -9.84 -1.56
C GLY A 163 9.92 -10.45 -0.55
N LEU A 164 9.51 -11.50 0.10
CA LEU A 164 10.40 -12.10 1.08
C LEU A 164 11.52 -12.89 0.40
N PRO A 165 12.69 -12.95 1.03
CA PRO A 165 13.81 -13.68 0.43
C PRO A 165 13.48 -15.14 0.19
N PRO A 166 13.73 -15.64 -1.01
CA PRO A 166 13.31 -17.02 -1.30
C PRO A 166 14.00 -18.06 -0.45
N LYS A 167 15.19 -17.78 0.17
CA LYS A 167 15.88 -18.85 0.87
C LYS A 167 15.27 -19.23 2.20
N ILE A 168 14.52 -18.34 2.80
CA ILE A 168 13.94 -18.58 4.11
CA ILE A 168 13.94 -18.58 4.10
C ILE A 168 12.49 -18.97 3.87
N VAL A 169 12.08 -20.09 4.45
CA VAL A 169 10.68 -20.49 4.31
C VAL A 169 9.86 -19.76 5.36
N ILE A 170 8.60 -19.57 5.05
CA ILE A 170 7.58 -19.25 6.03
C ILE A 170 6.75 -20.49 6.25
N GLY A 171 6.15 -20.60 7.43
CA GLY A 171 5.44 -21.80 7.84
C GLY A 171 3.96 -21.60 8.05
N TYR A 172 3.19 -22.64 7.77
CA TYR A 172 1.77 -22.67 8.01
C TYR A 172 1.52 -23.55 9.22
N GLN A 173 0.95 -22.96 10.26
CA GLN A 173 0.61 -23.69 11.48
C GLN A 173 -0.90 -23.90 11.56
N SER A 174 -1.32 -25.09 11.91
CA SER A 174 -2.72 -25.32 12.23
CA SER A 174 -2.73 -25.29 12.22
C SER A 174 -3.05 -24.73 13.60
N HIS A 175 -4.22 -24.09 13.73
CA HIS A 175 -4.61 -23.56 15.02
C HIS A 175 -4.72 -24.64 16.09
N ALA A 176 -5.10 -25.85 15.69
CA ALA A 176 -5.14 -26.97 16.63
C ALA A 176 -3.76 -27.24 17.21
N ASP A 177 -2.71 -27.15 16.39
CA ASP A 177 -1.37 -27.38 16.91
C ASP A 177 -0.89 -26.21 17.76
N THR A 178 -1.15 -25.00 17.30
CA THR A 178 -0.72 -23.82 18.05
C THR A 178 -1.25 -23.86 19.49
N ALA A 179 -2.52 -24.23 19.65
CA ALA A 179 -3.11 -24.13 20.97
C ALA A 179 -2.51 -25.16 21.93
N THR A 180 -2.06 -26.30 21.41
CA THR A 180 -1.51 -27.38 22.24
C THR A 180 0.02 -27.40 22.23
N LYS A 181 0.65 -26.27 21.93
CA LYS A 181 2.10 -26.33 21.83
C LYS A 181 2.69 -26.36 23.23
N SER A 182 3.93 -26.85 23.28
CA SER A 182 4.61 -27.10 24.53
C SER A 182 6.06 -26.62 24.39
N GLY A 183 6.74 -27.05 23.33
CA GLY A 183 8.01 -26.44 23.02
C GLY A 183 7.90 -24.95 22.73
N SER A 184 6.69 -24.47 22.42
CA SER A 184 6.44 -23.11 21.96
C SER A 184 7.26 -22.76 20.73
N THR A 185 7.63 -23.81 20.00
CA THR A 185 8.04 -23.81 18.60
C THR A 185 7.02 -24.69 17.90
N THR A 186 5.87 -24.11 17.56
CA THR A 186 4.80 -24.89 16.93
C THR A 186 5.26 -25.44 15.58
N LYS A 187 4.92 -26.70 15.33
CA LYS A 187 5.30 -27.28 14.05
C LYS A 187 4.46 -26.72 12.90
N ASN A 188 5.01 -26.86 11.71
CA ASN A 188 4.43 -26.33 10.49
C ASN A 188 3.82 -27.45 9.67
N ARG A 189 2.52 -27.36 9.43
CA ARG A 189 1.90 -28.30 8.51
C ARG A 189 2.52 -28.19 7.12
N PHE A 190 2.80 -26.98 6.66
CA PHE A 190 3.36 -26.75 5.34
C PHE A 190 4.40 -25.66 5.45
N VAL A 191 5.33 -25.64 4.49
CA VAL A 191 6.28 -24.52 4.37
C VAL A 191 6.37 -24.09 2.90
N VAL A 192 6.76 -22.84 2.70
CA VAL A 192 6.96 -22.31 1.36
C VAL A 192 8.02 -21.22 1.37
N TYR B 9 3.77 -18.38 -11.67
CA TYR B 9 2.85 -19.10 -12.57
C TYR B 9 1.78 -18.20 -13.15
N ILE B 10 1.23 -17.31 -12.31
CA ILE B 10 0.04 -16.54 -12.61
C ILE B 10 0.37 -15.06 -12.48
N LYS B 11 -0.07 -14.25 -13.45
CA LYS B 11 0.07 -12.80 -13.36
C LYS B 11 -1.22 -12.09 -13.74
N HIS B 12 -1.56 -11.07 -12.95
CA HIS B 12 -2.77 -10.31 -13.14
C HIS B 12 -2.47 -9.03 -13.88
N PRO B 13 -3.06 -8.81 -15.05
CA PRO B 13 -2.66 -7.65 -15.86
C PRO B 13 -3.25 -6.40 -15.27
N LEU B 14 -2.53 -5.31 -15.46
CA LEU B 14 -3.08 -4.00 -15.16
C LEU B 14 -3.76 -3.40 -16.38
N GLN B 15 -4.60 -2.39 -16.14
CA GLN B 15 -5.27 -1.74 -17.25
C GLN B 15 -4.28 -1.11 -18.21
N ASN B 16 -3.17 -0.58 -17.70
CA ASN B 16 -2.16 0.09 -18.50
C ASN B 16 -0.80 -0.49 -18.21
N ARG B 17 0.10 -0.29 -19.16
CA ARG B 17 1.52 -0.51 -18.95
CA ARG B 17 1.52 -0.50 -18.97
C ARG B 17 2.11 0.78 -18.38
N TRP B 18 2.99 0.62 -17.39
CA TRP B 18 3.61 1.71 -16.65
C TRP B 18 5.12 1.65 -16.77
N ALA B 19 5.76 2.80 -16.70
CA ALA B 19 7.22 2.83 -16.55
C ALA B 19 7.63 3.66 -15.35
N LEU B 20 8.59 3.13 -14.60
CA LEU B 20 9.20 3.83 -13.47
C LEU B 20 10.51 4.51 -13.90
N TRP B 21 10.62 5.79 -13.57
CA TRP B 21 11.77 6.60 -13.94
C TRP B 21 12.46 7.05 -12.67
N PHE B 22 13.77 7.19 -12.74
CA PHE B 22 14.57 7.65 -11.61
C PHE B 22 15.32 8.91 -12.04
N PHE B 23 15.39 9.90 -11.15
CA PHE B 23 16.13 11.13 -11.41
C PHE B 23 17.17 11.28 -10.32
N LYS B 24 18.43 11.49 -10.69
CA LYS B 24 19.41 11.88 -9.69
C LYS B 24 20.08 13.15 -10.17
N ASN B 25 20.21 14.14 -9.31
CA ASN B 25 20.77 15.39 -9.79
C ASN B 25 22.28 15.23 -9.96
N ASP B 26 22.76 15.41 -11.18
CA ASP B 26 24.17 15.59 -11.45
C ASP B 26 24.34 17.06 -11.86
N LYS B 27 25.00 17.83 -10.99
CA LYS B 27 25.03 19.28 -11.16
C LYS B 27 25.73 19.68 -12.45
N SER B 28 26.55 18.81 -13.00
CA SER B 28 27.28 19.12 -14.24
C SER B 28 26.47 18.82 -15.49
N LYS B 29 25.26 18.26 -15.36
CA LYS B 29 24.46 17.87 -16.51
C LYS B 29 23.10 18.56 -16.52
N THR B 30 22.54 18.73 -17.72
CA THR B 30 21.23 19.35 -17.85
C THR B 30 20.20 18.49 -17.11
N TRP B 31 19.05 19.09 -16.83
CA TRP B 31 18.00 18.36 -16.10
C TRP B 31 17.64 17.07 -16.83
N GLN B 32 17.31 17.21 -18.12
CA GLN B 32 16.87 16.09 -18.94
C GLN B 32 17.86 14.95 -18.93
N ALA B 33 19.15 15.27 -18.82
CA ALA B 33 20.16 14.24 -18.92
C ALA B 33 20.21 13.35 -17.69
N ASN B 34 19.66 13.80 -16.57
CA ASN B 34 19.69 13.08 -15.31
C ASN B 34 18.53 12.09 -15.14
N LEU B 35 17.67 11.93 -16.13
CA LEU B 35 16.55 11.00 -16.04
C LEU B 35 16.93 9.61 -16.56
N ARG B 36 16.51 8.57 -15.85
CA ARG B 36 16.70 7.19 -16.26
C ARG B 36 15.41 6.43 -16.18
N LEU B 37 15.04 5.78 -17.28
CA LEU B 37 13.96 4.82 -17.25
C LEU B 37 14.47 3.54 -16.61
N ILE B 38 13.82 3.10 -15.53
CA ILE B 38 14.29 1.97 -14.75
C ILE B 38 13.66 0.67 -15.20
N SER B 39 12.37 0.69 -15.47
CA SER B 39 11.63 -0.56 -15.62
C SER B 39 10.23 -0.28 -16.11
N LYS B 40 9.69 -1.20 -16.89
CA LYS B 40 8.31 -1.13 -17.31
C LYS B 40 7.56 -2.34 -16.77
N PHE B 41 6.28 -2.17 -16.53
CA PHE B 41 5.51 -3.32 -16.05
C PHE B 41 4.06 -3.16 -16.43
N ASP B 42 3.37 -4.29 -16.50
CA ASP B 42 1.95 -4.20 -16.78
C ASP B 42 1.15 -5.25 -16.03
N THR B 43 1.70 -5.82 -14.94
CA THR B 43 0.94 -6.69 -14.08
C THR B 43 1.09 -6.28 -12.62
N VAL B 44 0.09 -6.69 -11.82
CA VAL B 44 0.14 -6.50 -10.38
C VAL B 44 1.44 -7.04 -9.80
N GLU B 45 1.77 -8.29 -10.14
CA GLU B 45 2.92 -8.91 -9.53
C GLU B 45 4.21 -8.16 -9.87
N ASP B 46 4.33 -7.68 -11.10
CA ASP B 46 5.56 -6.99 -11.46
C ASP B 46 5.64 -5.63 -10.81
N PHE B 47 4.48 -4.99 -10.59
CA PHE B 47 4.51 -3.76 -9.80
C PHE B 47 5.10 -4.00 -8.41
N TRP B 48 4.59 -5.01 -7.70
CA TRP B 48 5.00 -5.21 -6.32
C TRP B 48 6.45 -5.69 -6.25
N ALA B 49 6.88 -6.52 -7.19
CA ALA B 49 8.29 -6.91 -7.20
C ALA B 49 9.20 -5.71 -7.36
N LEU B 50 8.78 -4.69 -8.12
CA LEU B 50 9.56 -3.46 -8.25
C LEU B 50 9.48 -2.65 -6.98
N TYR B 51 8.27 -2.40 -6.48
CA TYR B 51 8.11 -1.60 -5.26
C TYR B 51 8.88 -2.21 -4.09
N ASN B 52 8.82 -3.53 -3.93
CA ASN B 52 9.45 -4.16 -2.77
C ASN B 52 10.98 -4.17 -2.84
N HIS B 53 11.56 -3.82 -3.99
CA HIS B 53 13.00 -3.97 -4.16
C HIS B 53 13.70 -2.70 -4.59
N ILE B 54 13.08 -1.55 -4.37
CA ILE B 54 13.72 -0.28 -4.68
C ILE B 54 13.60 0.52 -3.38
N GLN B 55 14.43 1.55 -3.26
CA GLN B 55 14.46 2.31 -2.03
C GLN B 55 13.17 3.09 -1.83
N LEU B 56 12.74 3.18 -0.57
CA LEU B 56 11.63 4.05 -0.20
C LEU B 56 12.00 5.50 -0.50
N SER B 57 10.97 6.27 -0.87
CA SER B 57 11.18 7.71 -1.11
CA SER B 57 11.21 7.70 -1.12
C SER B 57 11.85 8.38 0.09
N SER B 58 11.41 8.03 1.30
CA SER B 58 11.95 8.63 2.49
C SER B 58 13.45 8.37 2.63
N ASN B 59 13.97 7.37 1.95
CA ASN B 59 15.38 7.02 2.04
C ASN B 59 16.19 7.45 0.82
N LEU B 60 15.59 8.17 -0.13
CA LEU B 60 16.35 8.70 -1.25
C LEU B 60 17.26 9.85 -0.79
N MET B 61 18.37 10.03 -1.49
CA MET B 61 19.20 11.21 -1.28
C MET B 61 18.46 12.46 -1.76
N PRO B 62 18.60 13.61 -1.08
CA PRO B 62 17.98 14.84 -1.61
C PRO B 62 18.52 15.10 -2.99
N GLY B 63 17.65 15.65 -3.83
CA GLY B 63 17.92 15.80 -5.24
C GLY B 63 17.50 14.63 -6.12
N CYS B 64 16.92 13.57 -5.56
CA CYS B 64 16.43 12.48 -6.37
C CYS B 64 14.90 12.52 -6.52
N ASP B 65 14.41 11.83 -7.56
CA ASP B 65 12.99 11.73 -7.84
C ASP B 65 12.67 10.32 -8.28
N TYR B 66 11.43 9.90 -8.05
CA TYR B 66 10.83 8.79 -8.78
C TYR B 66 9.65 9.35 -9.55
N SER B 67 9.43 8.81 -10.75
CA SER B 67 8.27 9.12 -11.57
C SER B 67 7.69 7.82 -12.09
N LEU B 68 6.37 7.68 -12.02
CA LEU B 68 5.65 6.56 -12.62
C LEU B 68 4.73 7.10 -13.69
N PHE B 69 4.98 6.78 -14.95
CA PHE B 69 4.22 7.35 -16.06
C PHE B 69 3.75 6.25 -17.01
N LYS B 70 2.60 6.48 -17.62
CA LYS B 70 2.09 5.54 -18.59
C LYS B 70 3.12 5.34 -19.70
N ASP B 71 3.20 4.10 -20.17
CA ASP B 71 4.13 3.76 -21.24
C ASP B 71 4.03 4.76 -22.38
N GLY B 72 5.18 5.29 -22.80
CA GLY B 72 5.23 6.22 -23.90
C GLY B 72 5.20 7.67 -23.50
N ILE B 73 4.97 7.98 -22.22
CA ILE B 73 4.95 9.35 -21.74
C ILE B 73 6.17 9.55 -20.87
N GLU B 74 7.07 10.48 -21.30
CA GLU B 74 8.22 10.80 -20.51
C GLU B 74 7.83 11.81 -19.44
N PRO B 75 8.46 11.73 -18.27
CA PRO B 75 8.02 12.55 -17.13
C PRO B 75 8.60 13.96 -17.18
N MET B 76 8.24 14.67 -18.24
CA MET B 76 8.77 15.99 -18.50
C MET B 76 7.71 16.81 -19.19
N TRP B 77 7.73 18.09 -18.84
CA TRP B 77 6.74 19.05 -19.31
C TRP B 77 6.57 18.99 -20.82
N GLU B 78 7.68 18.85 -21.53
CA GLU B 78 7.68 19.03 -22.98
C GLU B 78 7.19 17.80 -23.71
N ASP B 79 6.92 16.71 -22.99
CA ASP B 79 6.28 15.58 -23.63
C ASP B 79 4.95 16.07 -24.19
N GLU B 80 4.58 15.52 -25.34
CA GLU B 80 3.34 15.89 -26.03
C GLU B 80 2.09 15.68 -25.16
N LYS B 81 2.08 14.66 -24.33
CA LYS B 81 0.95 14.39 -23.45
C LYS B 81 0.99 15.22 -22.18
N ASN B 82 2.09 15.96 -21.94
CA ASN B 82 2.21 16.81 -20.77
C ASN B 82 2.22 18.30 -21.08
N LYS B 83 2.56 18.71 -22.30
CA LYS B 83 2.86 20.13 -22.48
C LYS B 83 1.64 21.03 -22.23
N ARG B 84 0.43 20.53 -22.50
CA ARG B 84 -0.80 21.28 -22.27
C ARG B 84 -1.42 20.95 -20.92
N GLY B 85 -0.71 20.19 -20.10
CA GLY B 85 -1.22 19.68 -18.85
C GLY B 85 -0.71 20.39 -17.62
N GLY B 86 -0.76 19.67 -16.51
CA GLY B 86 -0.47 20.26 -15.22
C GLY B 86 -0.43 19.19 -14.15
N ARG B 87 -0.35 19.63 -12.91
CA ARG B 87 -0.21 18.71 -11.79
C ARG B 87 -0.99 19.14 -10.55
N TRP B 88 -1.54 18.15 -9.85
CA TRP B 88 -1.98 18.31 -8.47
C TRP B 88 -0.74 18.10 -7.59
N LEU B 89 -0.41 19.09 -6.78
CA LEU B 89 0.81 19.11 -6.00
C LEU B 89 0.55 19.03 -4.49
N ILE B 90 1.23 18.09 -3.84
CA ILE B 90 1.24 17.90 -2.38
C ILE B 90 2.65 18.25 -1.91
N THR B 91 2.74 19.22 -1.01
CA THR B 91 4.00 19.65 -0.40
C THR B 91 4.13 19.02 0.98
N LEU B 92 5.34 18.61 1.34
CA LEU B 92 5.54 17.93 2.61
C LEU B 92 6.66 18.60 3.39
N ASN B 93 6.34 19.07 4.61
N ASN B 93 6.37 19.07 4.59
CA ASN B 93 7.38 19.52 5.52
CA ASN B 93 7.45 19.57 5.43
C ASN B 93 8.27 18.34 5.90
C ASN B 93 8.28 18.37 5.88
N LYS B 94 9.33 18.64 6.63
CA LYS B 94 10.12 17.56 7.21
C LYS B 94 9.29 16.72 8.16
N GLN B 95 8.35 17.30 8.90
CA GLN B 95 7.64 16.42 9.84
C GLN B 95 6.64 15.60 9.08
N GLN B 96 6.00 16.25 8.09
CA GLN B 96 5.15 15.51 7.19
C GLN B 96 5.99 14.46 6.50
N ARG B 97 7.27 14.78 6.27
CA ARG B 97 8.10 13.75 5.69
C ARG B 97 8.03 12.55 6.59
N ARG B 98 8.14 12.73 7.92
CA ARG B 98 8.57 11.44 8.58
C ARG B 98 7.33 10.56 8.48
N SER B 99 6.14 11.19 8.64
CA SER B 99 4.90 10.46 8.90
C SER B 99 4.12 10.07 7.64
N ASP B 100 4.25 10.81 6.53
CA ASP B 100 3.31 10.72 5.42
C ASP B 100 3.94 10.36 4.07
N LEU B 101 5.23 10.64 3.84
CA LEU B 101 5.80 10.56 2.49
C LEU B 101 5.61 9.17 1.88
N ASP B 102 6.00 8.13 2.61
CA ASP B 102 5.99 6.79 2.03
C ASP B 102 4.57 6.26 1.89
N ARG B 103 3.69 6.52 2.86
CA ARG B 103 2.27 6.21 2.69
C ARG B 103 1.63 6.97 1.52
N PHE B 104 1.89 8.27 1.43
CA PHE B 104 1.35 9.06 0.31
C PHE B 104 1.81 8.52 -1.03
N TRP B 105 3.11 8.23 -1.16
CA TRP B 105 3.66 7.75 -2.44
C TRP B 105 3.04 6.43 -2.84
N LEU B 106 2.98 5.47 -1.91
CA LEU B 106 2.38 4.19 -2.28
C LEU B 106 0.92 4.36 -2.67
N GLU B 107 0.17 5.17 -1.91
CA GLU B 107 -1.25 5.38 -2.21
C GLU B 107 -1.43 6.05 -3.57
N THR B 108 -0.55 7.00 -3.90
CA THR B 108 -0.49 7.61 -5.23
C THR B 108 -0.26 6.57 -6.32
N LEU B 109 0.73 5.69 -6.12
CA LEU B 109 1.05 4.64 -7.08
C LEU B 109 -0.14 3.72 -7.31
N LEU B 110 -0.83 3.33 -6.24
CA LEU B 110 -2.03 2.51 -6.36
C LEU B 110 -3.17 3.27 -7.03
N CYS B 111 -3.29 4.57 -6.79
CA CYS B 111 -4.28 5.35 -7.54
C CYS B 111 -4.05 5.26 -9.04
N LEU B 112 -2.79 5.33 -9.45
CA LEU B 112 -2.49 5.28 -10.87
C LEU B 112 -2.74 3.88 -11.43
N ILE B 113 -2.07 2.87 -10.87
CA ILE B 113 -2.13 1.57 -11.52
C ILE B 113 -3.51 0.95 -11.36
N GLY B 114 -4.23 1.33 -10.33
CA GLY B 114 -5.60 0.92 -10.09
C GLY B 114 -6.64 1.76 -10.78
N GLU B 115 -6.24 2.77 -11.53
CA GLU B 115 -7.18 3.60 -12.27
C GLU B 115 -8.29 4.10 -11.33
N SER B 116 -7.88 4.71 -10.23
CA SER B 116 -8.82 5.07 -9.18
C SER B 116 -9.76 6.22 -9.53
N PHE B 117 -9.53 6.95 -10.63
CA PHE B 117 -10.37 8.08 -11.00
C PHE B 117 -11.39 7.73 -12.07
N ASP B 118 -11.64 6.43 -12.26
CA ASP B 118 -12.66 5.89 -13.17
C ASP B 118 -12.49 6.53 -14.55
N ASP B 119 -13.54 7.10 -15.13
CA ASP B 119 -13.44 7.61 -16.51
CA ASP B 119 -13.45 7.62 -16.50
C ASP B 119 -12.34 8.65 -16.62
N TYR B 120 -12.06 9.38 -15.55
CA TYR B 120 -11.09 10.44 -15.59
C TYR B 120 -9.64 9.95 -15.47
N SER B 121 -9.42 8.68 -15.15
CA SER B 121 -8.04 8.19 -15.19
C SER B 121 -7.40 8.27 -16.58
N ASP B 122 -8.17 8.30 -17.66
CA ASP B 122 -7.54 8.49 -18.96
C ASP B 122 -6.83 9.82 -19.08
N ASP B 123 -7.21 10.81 -18.27
CA ASP B 123 -6.45 12.06 -18.29
C ASP B 123 -5.16 12.03 -17.48
N VAL B 124 -4.93 10.96 -16.71
CA VAL B 124 -3.74 10.85 -15.89
C VAL B 124 -2.56 10.45 -16.73
N CYS B 125 -1.46 11.19 -16.57
CA CYS B 125 -0.22 10.83 -17.23
C CYS B 125 0.73 10.02 -16.34
N GLY B 126 0.88 10.42 -15.09
CA GLY B 126 1.81 9.78 -14.18
C GLY B 126 1.86 10.55 -12.87
N ALA B 127 2.84 10.20 -12.06
CA ALA B 127 3.05 10.88 -10.78
C ALA B 127 4.53 10.99 -10.52
N VAL B 128 4.90 11.97 -9.68
CA VAL B 128 6.29 12.29 -9.40
C VAL B 128 6.42 12.52 -7.90
N VAL B 129 7.52 12.01 -7.33
CA VAL B 129 7.93 12.39 -5.98
C VAL B 129 9.33 12.97 -6.02
N ASN B 130 9.46 14.15 -5.43
CA ASN B 130 10.73 14.86 -5.39
C ASN B 130 11.17 14.85 -3.94
N VAL B 131 12.36 14.33 -3.69
CA VAL B 131 12.96 14.38 -2.38
C VAL B 131 13.96 15.52 -2.38
N ARG B 132 13.69 16.53 -1.57
CA ARG B 132 14.49 17.74 -1.56
C ARG B 132 14.75 18.17 -0.12
N ALA B 133 15.94 18.73 0.09
CA ALA B 133 16.25 19.38 1.37
C ALA B 133 15.18 20.39 1.73
N LYS B 134 14.74 21.20 0.77
CA LYS B 134 13.79 22.28 1.07
C LYS B 134 12.39 21.78 1.42
N GLY B 135 12.10 20.50 1.22
CA GLY B 135 10.75 19.99 1.39
C GLY B 135 10.35 19.09 0.24
N ASP B 136 9.76 17.94 0.54
CA ASP B 136 9.39 16.94 -0.45
C ASP B 136 8.10 17.36 -1.15
N LYS B 137 7.87 16.78 -2.32
CA LYS B 137 6.66 17.06 -3.09
C LYS B 137 6.18 15.76 -3.74
N ILE B 138 4.87 15.58 -3.78
CA ILE B 138 4.28 14.50 -4.54
C ILE B 138 3.25 15.10 -5.46
N ALA B 139 3.21 14.65 -6.72
CA ALA B 139 2.29 15.22 -7.67
C ALA B 139 1.75 14.19 -8.65
N ILE B 140 0.48 14.35 -9.02
CA ILE B 140 -0.14 13.62 -10.11
C ILE B 140 -0.25 14.58 -11.30
N TRP B 141 0.32 14.17 -12.43
CA TRP B 141 0.31 14.94 -13.65
C TRP B 141 -0.85 14.49 -14.53
N THR B 142 -1.60 15.44 -15.07
CA THR B 142 -2.68 15.14 -16.01
C THR B 142 -2.47 15.85 -17.33
N THR B 143 -3.21 15.41 -18.35
CA THR B 143 -2.80 15.80 -19.70
C THR B 143 -3.33 17.16 -20.20
N GLU B 144 -4.39 17.74 -19.64
CA GLU B 144 -4.96 18.98 -20.16
CA GLU B 144 -4.94 18.99 -20.16
C GLU B 144 -5.43 19.86 -19.00
N CYS B 145 -4.73 20.97 -18.78
CA CYS B 145 -5.06 21.84 -17.68
C CYS B 145 -6.40 22.53 -17.91
N GLU B 146 -6.97 22.45 -19.12
CA GLU B 146 -8.25 23.11 -19.36
C GLU B 146 -9.46 22.19 -19.14
N ASN B 147 -9.24 20.90 -18.89
CA ASN B 147 -10.34 19.99 -18.58
C ASN B 147 -10.70 20.08 -17.10
N ARG B 148 -11.37 21.19 -16.76
CA ARG B 148 -11.76 21.46 -15.36
C ARG B 148 -12.48 20.28 -14.76
N GLU B 149 -13.30 19.62 -15.56
CA GLU B 149 -14.16 18.57 -15.02
C GLU B 149 -13.30 17.40 -14.58
N ALA B 150 -12.38 16.97 -15.44
CA ALA B 150 -11.51 15.86 -15.12
C ALA B 150 -10.49 16.25 -14.05
N VAL B 151 -9.93 17.45 -14.16
CA VAL B 151 -8.91 17.85 -13.22
C VAL B 151 -9.49 17.93 -11.82
N THR B 152 -10.68 18.53 -11.67
CA THR B 152 -11.17 18.71 -10.31
C THR B 152 -11.69 17.39 -9.73
N HIS B 153 -12.19 16.48 -10.56
CA HIS B 153 -12.60 15.16 -10.09
C HIS B 153 -11.39 14.39 -9.58
N ILE B 154 -10.32 14.39 -10.35
CA ILE B 154 -9.09 13.73 -9.92
C ILE B 154 -8.58 14.32 -8.61
N GLY B 155 -8.55 15.64 -8.51
CA GLY B 155 -8.02 16.25 -7.30
C GLY B 155 -8.87 15.93 -6.07
N ARG B 156 -10.18 16.02 -6.21
CA ARG B 156 -11.05 15.66 -5.10
C ARG B 156 -10.85 14.22 -4.62
N VAL B 157 -10.84 13.27 -5.54
CA VAL B 157 -10.66 11.86 -5.17
C VAL B 157 -9.29 11.59 -4.59
N TYR B 158 -8.26 12.19 -5.19
CA TYR B 158 -6.89 12.03 -4.72
C TYR B 158 -6.70 12.55 -3.30
N LYS B 159 -7.14 13.79 -3.03
CA LYS B 159 -7.02 14.37 -1.70
C LYS B 159 -7.76 13.51 -0.66
N GLU B 160 -8.95 13.07 -1.00
CA GLU B 160 -9.69 12.19 -0.11
C GLU B 160 -8.93 10.88 0.10
N ARG B 161 -8.38 10.30 -0.97
CA ARG B 161 -7.66 9.03 -0.86
C ARG B 161 -6.50 9.12 0.12
N LEU B 162 -5.75 10.22 0.08
CA LEU B 162 -4.64 10.38 1.00
C LEU B 162 -5.06 10.89 2.35
N GLY B 163 -6.33 11.20 2.53
CA GLY B 163 -6.82 11.59 3.85
C GLY B 163 -6.28 12.92 4.30
N LEU B 164 -5.94 13.78 3.36
CA LEU B 164 -5.39 15.09 3.72
C LEU B 164 -6.39 15.92 4.50
N PRO B 165 -5.94 16.65 5.52
CA PRO B 165 -6.82 17.61 6.21
C PRO B 165 -7.60 18.46 5.24
N PRO B 166 -8.91 18.58 5.42
CA PRO B 166 -9.65 19.62 4.67
C PRO B 166 -9.10 21.02 4.87
N LYS B 167 -8.40 21.29 5.99
CA LYS B 167 -7.85 22.63 6.22
C LYS B 167 -6.72 22.97 5.25
N ILE B 168 -5.87 22.01 4.87
CA ILE B 168 -4.84 22.35 3.92
C ILE B 168 -5.46 22.34 2.52
N VAL B 169 -5.03 23.25 1.69
CA VAL B 169 -5.52 23.37 0.33
C VAL B 169 -4.42 22.80 -0.54
N ILE B 170 -4.78 22.00 -1.50
CA ILE B 170 -3.81 21.57 -2.50
C ILE B 170 -4.17 22.24 -3.82
N GLY B 171 -3.15 22.51 -4.63
CA GLY B 171 -3.32 23.31 -5.82
C GLY B 171 -2.93 22.55 -7.08
N TYR B 172 -3.60 22.89 -8.16
CA TYR B 172 -3.26 22.42 -9.49
C TYR B 172 -2.62 23.53 -10.30
N GLN B 173 -1.42 23.22 -10.83
CA GLN B 173 -0.54 24.15 -11.54
C GLN B 173 -0.39 23.69 -13.00
N SER B 174 -0.53 24.58 -13.97
CA SER B 174 -0.20 24.13 -15.31
C SER B 174 1.32 24.01 -15.41
N HIS B 175 1.77 23.12 -16.28
CA HIS B 175 3.21 23.01 -16.52
C HIS B 175 3.77 24.25 -17.23
N ALA B 176 2.98 24.85 -18.13
CA ALA B 176 3.37 26.08 -18.78
C ALA B 176 3.61 27.19 -17.78
N ASP B 177 2.84 27.26 -16.69
CA ASP B 177 3.14 28.27 -15.68
C ASP B 177 4.27 27.86 -14.74
N THR B 178 4.40 26.56 -14.47
CA THR B 178 5.54 26.10 -13.68
C THR B 178 6.84 26.46 -14.38
N ALA B 179 6.87 26.26 -15.68
CA ALA B 179 8.12 26.46 -16.43
C ALA B 179 8.58 27.91 -16.35
N THR B 180 7.64 28.85 -16.31
CA THR B 180 7.96 30.27 -16.34
C THR B 180 7.78 30.96 -15.00
N LYS B 181 7.65 30.23 -13.88
CA LYS B 181 7.45 30.92 -12.62
C LYS B 181 8.63 31.85 -12.35
N SER B 182 8.41 33.16 -12.55
CA SER B 182 9.41 34.15 -12.15
C SER B 182 9.67 34.07 -10.65
N GLY B 183 8.60 33.93 -9.87
CA GLY B 183 8.71 33.73 -8.44
C GLY B 183 9.15 32.32 -8.09
N SER B 184 8.53 31.75 -7.05
CA SER B 184 8.87 30.42 -6.55
C SER B 184 7.68 29.48 -6.45
N THR B 185 6.56 29.92 -5.85
CA THR B 185 5.35 29.12 -5.97
C THR B 185 4.75 29.38 -7.33
N THR B 186 4.27 28.33 -7.98
CA THR B 186 3.48 28.50 -9.19
C THR B 186 2.05 28.85 -8.78
N LYS B 187 1.47 29.77 -9.53
CA LYS B 187 0.05 30.04 -9.44
C LYS B 187 -0.78 28.79 -9.75
N ASN B 188 -1.92 28.69 -9.09
CA ASN B 188 -2.83 27.56 -9.23
C ASN B 188 -3.96 27.87 -10.18
N ARG B 189 -4.23 26.95 -11.11
CA ARG B 189 -5.46 27.06 -11.90
C ARG B 189 -6.68 26.57 -11.14
N PHE B 190 -6.52 25.55 -10.29
CA PHE B 190 -7.59 25.02 -9.46
C PHE B 190 -7.05 24.70 -8.07
N VAL B 191 -7.98 24.53 -7.12
CA VAL B 191 -7.66 24.06 -5.79
C VAL B 191 -8.73 23.05 -5.37
N VAL B 192 -8.36 22.18 -4.44
CA VAL B 192 -9.33 21.29 -3.75
C VAL B 192 -8.91 21.22 -2.30
#